data_1E8D
#
_entry.id   1E8D
#
_cell.length_a   105.900
_cell.length_b   105.900
_cell.length_c   187.800
_cell.angle_alpha   90.00
_cell.angle_beta   90.00
_cell.angle_gamma   90.00
#
_symmetry.space_group_name_H-M   'P 41 21 2'
#
loop_
_entity.id
_entity.type
_entity.pdbx_description
1 polymer 'HYDROXYNITRILE LYASE'
2 non-polymer 2-HYDROXY-2-METHYLPROPANENITRILE
3 water water
#
_entity_poly.entity_id   1
_entity_poly.type   'polypeptide(L)'
_entity_poly.pdbx_seq_one_letter_code
;PISKMVTAHFVLIHTICHGAWIWHKLKPALERAGHKVTALDMAASGIDPRQIEQINSFDEYSEPLLTFLEKLPQGEKVII
VGEACAGLNIAIAADRYVDKIAAGVFHNSLLPDTVHSPSYTVEKLLESFPDWRDTEYFTFTNITGETITTMKLGFVLLRE
NLFTKCTDGEYELAKMVMRKGSLFQNVLAQRPKFTEKGYGSIKKVYIWTDQDKIFLPDFQRWQIANYKPDKVYQVQGGDH
KLQLTKTEEVAHILQEVADAYA
;
_entity_poly.pdbx_strand_id   A,B
#
# COMPACT_ATOMS: atom_id res chain seq x y z
N PRO A 1 -12.54 -37.48 21.03
CA PRO A 1 -13.57 -37.76 22.05
C PRO A 1 -14.60 -36.62 21.90
N ILE A 2 -14.01 -35.42 21.95
CA ILE A 2 -14.71 -34.20 21.61
C ILE A 2 -13.64 -33.47 20.79
N SER A 3 -14.03 -32.97 19.63
CA SER A 3 -13.25 -32.13 18.75
C SER A 3 -13.84 -30.72 18.95
N LYS A 4 -13.06 -29.67 18.70
CA LYS A 4 -13.45 -28.30 18.89
C LYS A 4 -12.85 -27.45 17.76
N MET A 5 -13.62 -26.60 17.09
CA MET A 5 -13.14 -25.64 16.09
C MET A 5 -13.68 -24.28 16.55
N VAL A 6 -12.87 -23.26 16.55
CA VAL A 6 -13.22 -21.98 17.14
C VAL A 6 -13.01 -20.85 16.11
N THR A 7 -13.80 -19.76 16.08
CA THR A 7 -13.47 -18.60 15.25
C THR A 7 -13.03 -17.52 16.26
N ALA A 8 -11.91 -16.90 15.89
CA ALA A 8 -11.30 -15.85 16.67
C ALA A 8 -11.34 -14.53 15.92
N HIS A 9 -10.97 -13.49 16.66
CA HIS A 9 -10.78 -12.18 16.14
C HIS A 9 -9.26 -11.97 16.26
N PHE A 10 -8.66 -11.96 15.08
CA PHE A 10 -7.23 -11.71 14.95
C PHE A 10 -6.95 -10.24 14.71
N VAL A 11 -5.89 -9.69 15.30
CA VAL A 11 -5.45 -8.32 15.05
C VAL A 11 -4.05 -8.55 14.52
N LEU A 12 -3.81 -8.19 13.26
CA LEU A 12 -2.54 -8.36 12.57
C LEU A 12 -1.68 -7.11 12.64
N ILE A 13 -0.45 -7.23 13.14
CA ILE A 13 0.48 -6.10 13.31
C ILE A 13 1.77 -6.31 12.48
N HIS A 14 1.93 -5.44 11.50
CA HIS A 14 3.09 -5.32 10.67
C HIS A 14 4.36 -4.91 11.40
N THR A 15 5.53 -5.08 10.79
CA THR A 15 6.79 -4.64 11.41
C THR A 15 7.13 -3.17 11.00
N ILE A 16 8.20 -2.56 11.56
CA ILE A 16 8.60 -1.21 11.22
C ILE A 16 8.83 -1.07 9.71
N CYS A 17 8.51 0.13 9.22
CA CYS A 17 8.63 0.54 7.83
C CYS A 17 7.49 0.03 6.96
N HIS A 18 6.77 -1.00 7.41
CA HIS A 18 5.70 -1.58 6.60
C HIS A 18 4.36 -1.00 7.02
N GLY A 19 3.22 -1.61 6.66
CA GLY A 19 1.89 -1.17 7.10
C GLY A 19 0.93 -2.37 7.00
N ALA A 20 -0.36 -2.15 7.23
CA ALA A 20 -1.40 -3.19 7.20
C ALA A 20 -1.36 -3.97 5.91
N TRP A 21 -1.00 -3.32 4.78
CA TRP A 21 -0.89 -3.90 3.43
C TRP A 21 -0.14 -5.24 3.35
N ILE A 22 0.84 -5.57 4.24
CA ILE A 22 1.60 -6.82 4.14
C ILE A 22 0.67 -8.01 4.40
N TRP A 23 -0.45 -7.77 5.10
CA TRP A 23 -1.42 -8.81 5.46
C TRP A 23 -2.53 -8.94 4.43
N HIS A 24 -2.39 -8.38 3.24
CA HIS A 24 -3.48 -8.37 2.29
C HIS A 24 -3.84 -9.73 1.76
N LYS A 25 -3.00 -10.75 1.85
CA LYS A 25 -3.39 -12.07 1.42
C LYS A 25 -3.84 -12.89 2.64
N LEU A 26 -3.20 -12.76 3.81
CA LEU A 26 -3.58 -13.55 4.96
C LEU A 26 -4.94 -13.10 5.49
N LYS A 27 -5.28 -11.80 5.51
CA LYS A 27 -6.56 -11.34 6.03
C LYS A 27 -7.70 -11.99 5.26
N PRO A 28 -7.79 -12.03 3.92
CA PRO A 28 -8.85 -12.80 3.29
C PRO A 28 -8.82 -14.31 3.58
N ALA A 29 -7.64 -14.95 3.65
CA ALA A 29 -7.53 -16.38 3.92
C ALA A 29 -8.19 -16.70 5.25
N LEU A 30 -7.98 -15.81 6.21
CA LEU A 30 -8.53 -15.96 7.55
C LEU A 30 -10.03 -15.71 7.54
N GLU A 31 -10.49 -14.74 6.78
CA GLU A 31 -11.92 -14.48 6.70
C GLU A 31 -12.65 -15.60 5.95
N ARG A 32 -12.00 -16.33 5.07
CA ARG A 32 -12.63 -17.45 4.42
C ARG A 32 -12.97 -18.53 5.43
N ALA A 33 -12.14 -18.62 6.47
CA ALA A 33 -12.33 -19.56 7.55
C ALA A 33 -13.35 -19.06 8.57
N GLY A 34 -13.85 -17.86 8.41
CA GLY A 34 -14.87 -17.33 9.28
C GLY A 34 -14.31 -16.44 10.35
N HIS A 35 -12.98 -16.18 10.41
CA HIS A 35 -12.53 -15.35 11.52
C HIS A 35 -12.80 -13.86 11.26
N LYS A 36 -12.75 -13.07 12.31
CA LYS A 36 -12.84 -11.63 12.21
C LYS A 36 -11.39 -11.21 12.19
N VAL A 37 -10.97 -10.31 11.31
CA VAL A 37 -9.58 -9.88 11.16
C VAL A 37 -9.53 -8.36 11.14
N THR A 38 -8.66 -7.80 11.97
CA THR A 38 -8.37 -6.39 11.99
C THR A 38 -6.90 -6.26 11.64
N ALA A 39 -6.48 -5.47 10.64
CA ALA A 39 -5.09 -5.23 10.27
C ALA A 39 -4.85 -3.76 10.43
N LEU A 40 -4.02 -3.39 11.40
CA LEU A 40 -3.79 -2.00 11.73
C LEU A 40 -2.47 -1.44 11.19
N ASP A 41 -2.46 -0.14 10.83
CA ASP A 41 -1.24 0.61 10.53
C ASP A 41 -0.78 1.17 11.87
N MET A 42 0.53 1.09 12.14
CA MET A 42 1.05 1.60 13.41
C MET A 42 1.42 3.05 13.17
N ALA A 43 1.87 3.88 14.09
CA ALA A 43 2.10 5.28 13.76
C ALA A 43 3.15 5.38 12.63
N ALA A 44 2.94 6.33 11.71
CA ALA A 44 3.85 6.60 10.60
C ALA A 44 4.16 5.43 9.68
N SER A 45 3.25 4.47 9.56
CA SER A 45 3.42 3.26 8.79
C SER A 45 2.24 3.12 7.86
N GLY A 46 2.35 2.40 6.74
CA GLY A 46 1.27 2.29 5.77
C GLY A 46 0.77 3.68 5.32
N ILE A 47 -0.51 3.97 5.51
CA ILE A 47 -1.07 5.29 5.14
C ILE A 47 -1.38 6.12 6.39
N ASP A 48 -0.78 5.78 7.52
CA ASP A 48 -0.97 6.57 8.70
C ASP A 48 -0.37 7.93 8.39
N PRO A 49 -1.07 8.98 8.74
CA PRO A 49 -0.68 10.33 8.38
C PRO A 49 0.54 10.89 9.09
N ARG A 50 0.95 10.31 10.23
CA ARG A 50 2.08 10.85 10.96
C ARG A 50 3.36 10.51 10.24
N GLN A 51 4.41 11.26 10.50
CA GLN A 51 5.74 10.98 9.97
C GLN A 51 6.53 10.44 11.14
N ILE A 52 7.52 9.61 10.88
CA ILE A 52 8.28 8.97 11.93
C ILE A 52 8.94 9.96 12.84
N GLU A 53 9.28 11.19 12.40
CA GLU A 53 9.96 12.17 13.27
C GLU A 53 9.12 12.77 14.39
N GLN A 54 7.82 12.64 14.22
CA GLN A 54 6.86 13.09 15.23
C GLN A 54 6.67 11.97 16.26
N ILE A 55 7.33 10.80 16.22
CA ILE A 55 7.03 9.66 17.08
C ILE A 55 8.24 9.51 17.98
N ASN A 56 8.01 9.41 19.29
CA ASN A 56 9.11 9.48 20.21
C ASN A 56 9.51 8.21 20.90
N SER A 57 8.77 7.12 20.75
CA SER A 57 9.16 5.88 21.36
C SER A 57 8.37 4.80 20.66
N PHE A 58 8.71 3.53 20.94
CA PHE A 58 8.01 2.39 20.36
C PHE A 58 6.60 2.30 20.97
N ASP A 59 6.39 2.80 22.18
CA ASP A 59 5.07 2.87 22.76
C ASP A 59 4.16 3.83 22.00
N GLU A 60 4.65 5.05 21.65
CA GLU A 60 3.89 5.99 20.81
C GLU A 60 3.60 5.36 19.48
N TYR A 61 4.61 4.74 18.86
CA TYR A 61 4.46 4.01 17.61
C TYR A 61 3.31 3.00 17.71
N SER A 62 3.15 2.36 18.90
CA SER A 62 2.14 1.35 19.17
C SER A 62 0.76 1.95 19.41
N GLU A 63 0.58 3.27 19.42
CA GLU A 63 -0.72 3.90 19.71
C GLU A 63 -1.89 3.33 18.93
N PRO A 64 -1.89 3.09 17.60
CA PRO A 64 -3.05 2.52 16.95
C PRO A 64 -3.50 1.17 17.55
N LEU A 65 -2.62 0.29 18.04
CA LEU A 65 -3.02 -0.96 18.64
C LEU A 65 -3.64 -0.72 20.01
N LEU A 66 -3.05 0.18 20.82
CA LEU A 66 -3.51 0.40 22.18
C LEU A 66 -4.86 1.07 22.08
N THR A 67 -5.10 2.03 21.18
CA THR A 67 -6.42 2.64 20.99
C THR A 67 -7.52 1.64 20.64
N PHE A 68 -7.15 0.77 19.71
CA PHE A 68 -8.02 -0.28 19.26
C PHE A 68 -8.35 -1.15 20.47
N LEU A 69 -7.37 -1.56 21.29
CA LEU A 69 -7.70 -2.45 22.40
C LEU A 69 -8.51 -1.70 23.43
N GLU A 70 -8.19 -0.45 23.71
CA GLU A 70 -9.01 0.41 24.53
C GLU A 70 -10.48 0.37 24.07
N LYS A 71 -10.73 0.38 22.78
CA LYS A 71 -12.09 0.36 22.30
C LYS A 71 -12.73 -0.98 22.25
N LEU A 72 -12.06 -2.14 22.43
CA LEU A 72 -12.73 -3.44 22.33
C LEU A 72 -13.87 -3.60 23.36
N PRO A 73 -15.06 -4.14 23.00
CA PRO A 73 -16.13 -4.46 23.94
C PRO A 73 -15.69 -5.36 25.04
N GLN A 74 -16.44 -5.08 26.10
CA GLN A 74 -16.37 -5.87 27.30
C GLN A 74 -16.31 -7.35 27.00
N GLY A 75 -15.23 -7.95 27.49
CA GLY A 75 -15.17 -9.39 27.37
C GLY A 75 -14.84 -9.88 25.99
N GLU A 76 -14.44 -8.99 25.05
CA GLU A 76 -13.95 -9.49 23.79
C GLU A 76 -12.45 -9.63 24.00
N LYS A 77 -11.90 -10.71 23.46
CA LYS A 77 -10.46 -10.97 23.50
C LYS A 77 -10.03 -11.16 22.06
N VAL A 78 -8.80 -10.78 21.74
CA VAL A 78 -8.29 -10.92 20.38
C VAL A 78 -7.00 -11.72 20.42
N ILE A 79 -6.58 -12.28 19.28
CA ILE A 79 -5.28 -12.93 19.17
C ILE A 79 -4.43 -11.95 18.33
N ILE A 80 -3.38 -11.36 18.93
CA ILE A 80 -2.56 -10.38 18.24
C ILE A 80 -1.46 -11.17 17.54
N VAL A 81 -1.35 -11.04 16.22
CA VAL A 81 -0.37 -11.72 15.42
C VAL A 81 0.59 -10.63 15.01
N GLY A 82 1.90 -10.74 15.26
CA GLY A 82 2.80 -9.68 14.89
C GLY A 82 4.01 -10.28 14.19
N GLU A 83 4.47 -9.58 13.15
CA GLU A 83 5.65 -10.04 12.43
C GLU A 83 6.89 -9.22 12.79
N ALA A 84 8.06 -9.86 12.76
CA ALA A 84 9.34 -9.23 12.99
C ALA A 84 9.39 -8.26 14.16
N CYS A 85 9.65 -6.94 14.08
CA CYS A 85 9.71 -6.10 15.26
C CYS A 85 8.37 -5.94 15.95
N ALA A 86 7.24 -6.43 15.42
CA ALA A 86 5.99 -6.24 16.10
C ALA A 86 5.86 -7.08 17.36
N GLY A 87 6.73 -8.06 17.66
CA GLY A 87 6.68 -8.71 18.96
C GLY A 87 6.79 -7.69 20.09
N LEU A 88 7.52 -6.57 19.88
CA LEU A 88 7.58 -5.48 20.87
C LEU A 88 6.20 -4.77 21.01
N ASN A 89 5.43 -4.65 19.93
CA ASN A 89 4.09 -4.06 19.99
C ASN A 89 3.20 -5.00 20.82
N ILE A 90 3.34 -6.32 20.65
CA ILE A 90 2.57 -7.29 21.43
C ILE A 90 2.96 -7.15 22.90
N ALA A 91 4.23 -7.03 23.26
CA ALA A 91 4.62 -6.86 24.65
C ALA A 91 4.11 -5.54 25.23
N ILE A 92 4.14 -4.41 24.52
CA ILE A 92 3.63 -3.14 25.04
C ILE A 92 2.12 -3.20 25.36
N ALA A 93 1.39 -3.84 24.43
CA ALA A 93 -0.04 -3.99 24.49
C ALA A 93 -0.50 -4.85 25.63
N ALA A 94 0.15 -6.02 25.85
CA ALA A 94 -0.19 -6.97 26.92
C ALA A 94 0.07 -6.42 28.30
N ASP A 95 1.03 -5.51 28.45
CA ASP A 95 1.17 -4.84 29.73
C ASP A 95 0.13 -3.75 29.89
N ARG A 96 -0.74 -3.48 28.93
CA ARG A 96 -1.85 -2.56 29.16
C ARG A 96 -3.23 -3.23 29.02
N TYR A 97 -3.40 -4.29 28.22
CA TYR A 97 -4.70 -4.88 27.95
C TYR A 97 -4.59 -6.37 28.05
N VAL A 98 -3.91 -6.90 29.07
CA VAL A 98 -3.75 -8.33 29.23
C VAL A 98 -5.08 -9.10 29.19
N ASP A 99 -6.12 -8.59 29.79
CA ASP A 99 -7.43 -9.23 29.82
C ASP A 99 -8.15 -9.28 28.45
N LYS A 100 -7.61 -8.55 27.46
CA LYS A 100 -8.21 -8.43 26.13
C LYS A 100 -7.48 -9.34 25.19
N ILE A 101 -6.37 -9.96 25.60
CA ILE A 101 -5.57 -10.78 24.70
C ILE A 101 -5.73 -12.30 24.92
N ALA A 102 -6.36 -13.07 24.01
CA ALA A 102 -6.45 -14.51 24.14
C ALA A 102 -5.06 -15.14 23.92
N ALA A 103 -4.19 -14.68 23.03
CA ALA A 103 -2.82 -15.22 22.83
C ALA A 103 -2.03 -14.19 22.03
N GLY A 104 -0.70 -14.22 22.05
CA GLY A 104 0.16 -13.40 21.21
C GLY A 104 0.81 -14.39 20.23
N VAL A 105 0.84 -14.16 18.91
CA VAL A 105 1.48 -15.01 17.93
C VAL A 105 2.64 -14.21 17.32
N PHE A 106 3.86 -14.75 17.38
CA PHE A 106 5.09 -14.08 16.96
C PHE A 106 5.41 -14.74 15.64
N HIS A 107 5.48 -13.99 14.56
CA HIS A 107 5.54 -14.58 13.24
C HIS A 107 6.88 -14.12 12.72
N ASN A 108 7.96 -14.92 12.83
CA ASN A 108 9.34 -14.52 12.42
C ASN A 108 9.61 -13.17 13.08
N SER A 109 9.28 -13.19 14.37
CA SER A 109 9.22 -12.02 15.21
C SER A 109 10.20 -12.02 16.37
N LEU A 110 10.52 -10.81 16.80
CA LEU A 110 11.23 -10.55 18.05
C LEU A 110 10.38 -11.20 19.14
N LEU A 111 10.93 -11.92 20.12
CA LEU A 111 10.16 -12.44 21.23
C LEU A 111 10.71 -11.79 22.51
N PRO A 112 10.20 -10.64 22.97
CA PRO A 112 10.63 -9.97 24.19
C PRO A 112 10.49 -10.86 25.38
N ASP A 113 11.24 -10.59 26.44
CA ASP A 113 11.00 -11.30 27.69
C ASP A 113 10.73 -10.32 28.82
N THR A 114 10.67 -10.77 30.07
CA THR A 114 10.43 -9.88 31.22
C THR A 114 11.67 -9.70 32.10
N VAL A 115 12.64 -10.55 31.86
CA VAL A 115 13.89 -10.57 32.61
C VAL A 115 14.95 -9.60 32.15
N HIS A 116 15.02 -9.33 30.85
CA HIS A 116 16.01 -8.42 30.34
C HIS A 116 15.33 -7.12 29.95
N SER A 117 16.14 -6.18 29.48
CA SER A 117 15.64 -4.91 28.98
C SER A 117 14.75 -5.14 27.78
N PRO A 118 13.74 -4.28 27.53
CA PRO A 118 12.93 -4.32 26.29
C PRO A 118 13.79 -4.29 25.02
N SER A 119 14.96 -3.65 25.01
CA SER A 119 15.76 -3.62 23.79
C SER A 119 16.61 -4.87 23.61
N TYR A 120 16.57 -5.78 24.57
CA TYR A 120 17.44 -6.93 24.55
C TYR A 120 17.36 -7.75 23.28
N THR A 121 16.17 -8.16 22.78
CA THR A 121 16.12 -8.93 21.53
C THR A 121 16.52 -8.11 20.30
N VAL A 122 16.45 -6.78 20.39
CA VAL A 122 16.89 -5.92 19.29
C VAL A 122 18.44 -5.97 19.25
N GLU A 123 19.10 -5.86 20.41
CA GLU A 123 20.57 -5.98 20.50
C GLU A 123 20.97 -7.30 19.88
N LYS A 124 20.32 -8.38 20.26
CA LYS A 124 20.69 -9.67 19.74
C LYS A 124 20.34 -9.85 18.28
N LEU A 125 19.25 -9.25 17.79
CA LEU A 125 18.93 -9.29 16.38
C LEU A 125 20.10 -8.67 15.63
N LEU A 126 20.55 -7.51 16.07
CA LEU A 126 21.56 -6.82 15.31
C LEU A 126 22.93 -7.46 15.37
N GLU A 127 23.17 -8.17 16.44
CA GLU A 127 24.40 -8.91 16.59
C GLU A 127 24.44 -10.05 15.57
N SER A 128 23.28 -10.70 15.42
CA SER A 128 23.06 -11.74 14.46
C SER A 128 23.00 -11.19 13.03
N PHE A 129 22.38 -10.05 12.77
CA PHE A 129 22.25 -9.55 11.42
C PHE A 129 22.71 -8.10 11.51
N PRO A 130 24.02 -7.82 11.50
CA PRO A 130 24.54 -6.47 11.64
C PRO A 130 24.57 -5.62 10.38
N ASP A 131 24.62 -6.20 9.20
CA ASP A 131 24.75 -5.42 8.02
C ASP A 131 23.46 -5.49 7.27
N TRP A 132 22.77 -4.33 7.20
CA TRP A 132 21.48 -4.18 6.52
C TRP A 132 21.60 -3.67 5.09
N ARG A 133 22.79 -3.93 4.56
CA ARG A 133 23.14 -3.81 3.16
C ARG A 133 23.03 -2.39 2.65
N ASP A 134 22.00 -2.16 1.85
CA ASP A 134 21.81 -0.88 1.27
C ASP A 134 20.81 -0.01 2.04
N THR A 135 20.42 -0.41 3.27
CA THR A 135 19.58 0.42 4.10
C THR A 135 20.28 1.77 4.38
N GLU A 136 19.48 2.84 4.38
CA GLU A 136 19.98 4.16 4.66
C GLU A 136 19.52 4.55 6.05
N TYR A 137 20.32 5.27 6.82
CA TYR A 137 19.96 5.64 8.18
C TYR A 137 19.88 7.14 8.30
N PHE A 138 19.12 7.65 9.25
CA PHE A 138 18.95 9.08 9.44
C PHE A 138 18.71 9.28 10.92
N THR A 139 18.76 10.47 11.48
CA THR A 139 18.38 10.62 12.88
C THR A 139 17.45 11.81 13.07
N PHE A 140 16.77 11.88 14.19
CA PHE A 140 16.13 13.11 14.58
C PHE A 140 16.25 13.13 16.09
N THR A 141 15.83 14.19 16.78
CA THR A 141 15.98 14.30 18.22
C THR A 141 14.55 14.31 18.70
N ASN A 142 14.22 13.44 19.64
CA ASN A 142 12.87 13.27 20.15
C ASN A 142 12.50 14.26 21.23
N ILE A 143 11.29 14.16 21.79
CA ILE A 143 10.75 15.12 22.71
C ILE A 143 11.52 15.35 24.02
N THR A 144 12.40 14.42 24.41
CA THR A 144 13.20 14.53 25.63
C THR A 144 14.68 14.59 25.27
N GLY A 145 15.04 14.80 24.00
CA GLY A 145 16.43 14.91 23.62
C GLY A 145 17.14 13.63 23.18
N GLU A 146 16.53 12.41 23.14
CA GLU A 146 17.20 11.21 22.62
C GLU A 146 17.52 11.24 21.12
N THR A 147 18.62 10.78 20.54
CA THR A 147 18.71 10.81 19.09
C THR A 147 18.24 9.45 18.67
N ILE A 148 17.32 9.55 17.72
CA ILE A 148 16.58 8.41 17.24
C ILE A 148 17.11 8.13 15.88
N THR A 149 17.44 6.87 15.65
CA THR A 149 17.93 6.46 14.34
C THR A 149 16.74 5.92 13.55
N THR A 150 16.51 6.42 12.32
CA THR A 150 15.47 5.91 11.44
C THR A 150 16.14 5.26 10.24
N MET A 151 15.41 4.53 9.41
CA MET A 151 16.01 3.89 8.25
C MET A 151 15.02 3.79 7.09
N LYS A 152 15.51 3.81 5.84
CA LYS A 152 14.75 3.46 4.63
C LYS A 152 15.38 2.15 4.23
N LEU A 153 14.67 1.05 4.33
CA LEU A 153 15.17 -0.26 3.99
C LEU A 153 15.62 -0.27 2.53
N GLY A 154 16.82 -0.77 2.26
CA GLY A 154 17.32 -0.80 0.92
C GLY A 154 16.58 -1.81 0.05
N PHE A 155 16.51 -1.60 -1.26
CA PHE A 155 15.75 -2.48 -2.12
C PHE A 155 16.39 -3.82 -2.34
N VAL A 156 17.71 -3.96 -2.26
CA VAL A 156 18.37 -5.27 -2.35
C VAL A 156 18.00 -6.02 -1.06
N LEU A 157 18.14 -5.40 0.12
CA LEU A 157 17.78 -6.03 1.38
C LEU A 157 16.34 -6.53 1.29
N LEU A 158 15.45 -5.70 0.78
CA LEU A 158 14.08 -6.06 0.55
C LEU A 158 13.99 -7.26 -0.37
N ARG A 159 14.64 -7.25 -1.55
CA ARG A 159 14.58 -8.36 -2.50
C ARG A 159 15.11 -9.70 -1.98
N GLU A 160 16.29 -9.63 -1.41
CA GLU A 160 17.00 -10.81 -1.04
C GLU A 160 16.83 -11.30 0.39
N ASN A 161 16.61 -10.39 1.34
CA ASN A 161 16.54 -10.80 2.72
C ASN A 161 15.14 -10.78 3.26
N LEU A 162 14.26 -9.82 2.94
CA LEU A 162 12.92 -9.85 3.51
C LEU A 162 11.93 -10.54 2.60
N PHE A 163 11.96 -10.26 1.28
CA PHE A 163 10.99 -10.80 0.34
C PHE A 163 11.65 -11.81 -0.60
N THR A 164 12.55 -12.58 -0.02
CA THR A 164 13.38 -13.53 -0.75
C THR A 164 12.69 -14.38 -1.81
N LYS A 165 11.55 -14.96 -1.48
CA LYS A 165 10.85 -15.88 -2.33
C LYS A 165 9.49 -15.28 -2.72
N CYS A 166 9.22 -13.99 -2.49
CA CYS A 166 7.93 -13.46 -2.87
C CYS A 166 7.94 -13.18 -4.36
N THR A 167 6.74 -13.15 -4.86
CA THR A 167 6.42 -12.76 -6.22
C THR A 167 6.94 -11.39 -6.56
N ASP A 168 7.14 -11.17 -7.86
CA ASP A 168 7.50 -9.86 -8.36
C ASP A 168 6.46 -8.82 -8.09
N GLY A 169 5.19 -9.19 -8.19
CA GLY A 169 4.12 -8.25 -7.84
C GLY A 169 4.13 -7.91 -6.37
N GLU A 170 4.56 -8.85 -5.51
CA GLU A 170 4.59 -8.60 -4.10
C GLU A 170 5.77 -7.75 -3.76
N TYR A 171 6.92 -8.08 -4.31
CA TYR A 171 8.11 -7.28 -4.06
C TYR A 171 7.95 -5.87 -4.66
N GLU A 172 7.40 -5.69 -5.85
CA GLU A 172 7.14 -4.36 -6.38
C GLU A 172 6.16 -3.58 -5.49
N LEU A 173 5.07 -4.22 -5.01
CA LEU A 173 4.17 -3.59 -4.06
C LEU A 173 4.94 -3.00 -2.87
N ALA A 174 5.81 -3.79 -2.23
CA ALA A 174 6.58 -3.35 -1.07
C ALA A 174 7.40 -2.13 -1.38
N LYS A 175 8.03 -2.04 -2.56
CA LYS A 175 8.83 -0.88 -2.92
C LYS A 175 7.91 0.31 -3.09
N MET A 176 6.69 0.10 -3.61
CA MET A 176 5.71 1.17 -3.76
C MET A 176 5.15 1.74 -2.43
N VAL A 177 5.08 1.03 -1.30
CA VAL A 177 4.50 1.58 -0.08
C VAL A 177 5.34 1.55 1.20
N MET A 178 6.60 1.07 1.12
CA MET A 178 7.51 1.03 2.25
C MET A 178 7.82 2.44 2.72
N ARG A 179 7.93 2.65 4.04
CA ARG A 179 8.17 3.99 4.59
C ARG A 179 9.31 3.88 5.57
N LYS A 180 9.76 4.99 6.10
CA LYS A 180 10.79 5.00 7.13
C LYS A 180 10.30 4.34 8.40
N GLY A 181 11.26 3.86 9.17
CA GLY A 181 10.94 3.22 10.42
C GLY A 181 12.05 3.41 11.41
N SER A 182 11.87 2.90 12.63
CA SER A 182 12.86 3.01 13.65
C SER A 182 12.62 1.89 14.63
N LEU A 183 13.74 1.39 15.14
CA LEU A 183 13.73 0.38 16.17
C LEU A 183 13.59 1.12 17.48
N PHE A 184 13.86 2.44 17.60
CA PHE A 184 13.82 3.16 18.87
C PHE A 184 14.66 2.44 19.94
N GLN A 185 15.77 1.80 19.54
CA GLN A 185 16.49 0.87 20.42
C GLN A 185 16.98 1.52 21.69
N ASN A 186 17.56 2.71 21.55
CA ASN A 186 18.04 3.41 22.73
C ASN A 186 16.97 3.87 23.68
N VAL A 187 15.75 4.18 23.21
CA VAL A 187 14.67 4.55 24.10
C VAL A 187 14.11 3.25 24.71
N LEU A 188 14.18 2.09 24.00
CA LEU A 188 13.73 0.82 24.57
C LEU A 188 14.69 0.42 25.68
N ALA A 189 15.99 0.71 25.50
CA ALA A 189 17.01 0.42 26.51
C ALA A 189 16.74 1.24 27.78
N GLN A 190 16.07 2.40 27.73
CA GLN A 190 15.70 3.15 28.92
C GLN A 190 14.33 2.69 29.45
N ARG A 191 13.63 1.78 28.80
CA ARG A 191 12.27 1.48 29.18
C ARG A 191 12.27 0.48 30.33
N PRO A 192 11.31 0.56 31.27
CA PRO A 192 10.96 -0.53 32.20
C PRO A 192 10.74 -1.85 31.48
N LYS A 193 11.21 -2.93 32.10
CA LYS A 193 11.02 -4.25 31.55
C LYS A 193 9.54 -4.60 31.51
N PHE A 194 9.19 -5.45 30.56
CA PHE A 194 7.83 -5.95 30.39
C PHE A 194 7.44 -6.69 31.65
N THR A 195 6.17 -6.61 32.10
CA THR A 195 5.81 -7.20 33.37
C THR A 195 5.38 -8.64 33.23
N GLU A 196 5.55 -9.29 34.36
CA GLU A 196 5.13 -10.65 34.50
C GLU A 196 3.67 -10.82 34.44
N LYS A 197 3.03 -9.88 35.13
CA LYS A 197 1.60 -9.87 35.28
C LYS A 197 0.90 -9.58 33.95
N GLY A 198 1.39 -8.65 33.10
CA GLY A 198 0.78 -8.41 31.82
C GLY A 198 1.31 -9.39 30.77
N TYR A 199 2.42 -8.94 30.19
CA TYR A 199 3.03 -9.61 29.08
C TYR A 199 3.46 -11.00 29.46
N GLY A 200 4.16 -11.16 30.56
CA GLY A 200 4.59 -12.48 31.00
C GLY A 200 3.43 -13.47 31.11
N SER A 201 2.17 -13.08 31.36
CA SER A 201 1.15 -14.08 31.51
C SER A 201 0.44 -14.53 30.25
N ILE A 202 0.64 -13.88 29.07
CA ILE A 202 -0.15 -14.25 27.90
C ILE A 202 0.42 -15.49 27.21
N LYS A 203 -0.47 -16.26 26.59
CA LYS A 203 -0.08 -17.44 25.82
C LYS A 203 0.69 -16.94 24.61
N LYS A 204 1.72 -17.66 24.15
CA LYS A 204 2.65 -17.16 23.15
C LYS A 204 2.93 -18.28 22.19
N VAL A 205 2.70 -18.03 20.90
CA VAL A 205 2.93 -19.03 19.88
C VAL A 205 4.00 -18.46 18.96
N TYR A 206 5.03 -19.23 18.61
CA TYR A 206 6.12 -18.75 17.79
C TYR A 206 6.04 -19.46 16.45
N ILE A 207 5.75 -18.77 15.34
CA ILE A 207 5.74 -19.34 13.99
C ILE A 207 7.01 -18.87 13.31
N TRP A 208 7.75 -19.71 12.61
CA TRP A 208 8.99 -19.25 11.98
C TRP A 208 9.37 -20.20 10.85
N THR A 209 10.33 -19.81 10.02
CA THR A 209 10.88 -20.72 9.03
C THR A 209 12.36 -20.52 9.15
N ASP A 210 13.11 -21.62 9.00
CA ASP A 210 14.57 -21.54 8.98
C ASP A 210 15.09 -21.01 7.62
N GLN A 211 14.22 -20.77 6.64
CA GLN A 211 14.60 -20.16 5.37
C GLN A 211 14.52 -18.62 5.42
N ASP A 212 14.27 -18.05 6.60
CA ASP A 212 14.20 -16.61 6.72
C ASP A 212 15.59 -16.05 6.57
N LYS A 213 15.76 -15.06 5.69
CA LYS A 213 17.07 -14.53 5.41
C LYS A 213 17.45 -13.26 6.14
N ILE A 214 16.67 -12.83 7.11
CA ILE A 214 17.04 -11.68 7.90
C ILE A 214 16.87 -12.06 9.38
N PHE A 215 15.79 -12.68 9.87
CA PHE A 215 15.74 -13.17 11.26
C PHE A 215 16.23 -14.61 11.10
N LEU A 216 17.55 -14.76 11.16
CA LEU A 216 18.27 -16.02 10.86
C LEU A 216 18.04 -17.18 11.86
N PRO A 217 18.22 -18.47 11.51
CA PRO A 217 17.90 -19.61 12.39
C PRO A 217 18.66 -19.56 13.69
N ASP A 218 19.91 -19.03 13.75
CA ASP A 218 20.64 -18.92 15.01
C ASP A 218 19.91 -17.97 15.96
N PHE A 219 19.44 -16.86 15.40
CA PHE A 219 18.73 -15.87 16.18
C PHE A 219 17.39 -16.41 16.68
N GLN A 220 16.64 -16.96 15.73
CA GLN A 220 15.29 -17.46 16.04
C GLN A 220 15.40 -18.56 17.06
N ARG A 221 16.32 -19.52 16.88
CA ARG A 221 16.48 -20.55 17.90
C ARG A 221 16.95 -19.94 19.21
N TRP A 222 17.79 -18.90 19.18
CA TRP A 222 18.23 -18.33 20.43
C TRP A 222 17.02 -17.78 21.12
N GLN A 223 16.06 -17.12 20.45
CA GLN A 223 14.94 -16.53 21.19
C GLN A 223 14.01 -17.58 21.78
N ILE A 224 13.78 -18.67 21.06
CA ILE A 224 12.96 -19.76 21.52
C ILE A 224 13.53 -20.32 22.81
N ALA A 225 14.86 -20.48 22.82
CA ALA A 225 15.61 -20.96 23.97
C ALA A 225 15.59 -19.97 25.11
N ASN A 226 15.73 -18.70 24.77
CA ASN A 226 15.71 -17.65 25.74
C ASN A 226 14.37 -17.48 26.46
N TYR A 227 13.21 -17.68 25.82
CA TYR A 227 11.94 -17.42 26.49
C TYR A 227 11.00 -18.35 25.78
N LYS A 228 10.90 -19.54 26.36
CA LYS A 228 10.16 -20.62 25.73
C LYS A 228 8.73 -20.23 25.39
N PRO A 229 8.35 -20.31 24.10
CA PRO A 229 6.96 -20.18 23.67
C PRO A 229 6.08 -21.25 24.30
N ASP A 230 4.78 -20.98 24.38
CA ASP A 230 3.84 -22.03 24.75
C ASP A 230 3.73 -22.98 23.58
N LYS A 231 3.91 -22.55 22.34
CA LYS A 231 3.82 -23.44 21.18
C LYS A 231 4.81 -22.91 20.18
N VAL A 232 5.47 -23.79 19.41
CA VAL A 232 6.36 -23.38 18.35
C VAL A 232 5.86 -24.06 17.10
N TYR A 233 5.77 -23.37 15.96
CA TYR A 233 5.29 -23.93 14.72
C TYR A 233 6.35 -23.57 13.69
N GLN A 234 7.09 -24.53 13.17
CA GLN A 234 8.15 -24.20 12.22
C GLN A 234 7.56 -24.48 10.85
N VAL A 235 7.57 -23.58 9.85
CA VAL A 235 7.00 -23.78 8.52
C VAL A 235 8.21 -24.12 7.66
N GLN A 236 8.04 -25.08 6.76
CA GLN A 236 9.13 -25.44 5.89
C GLN A 236 9.12 -24.45 4.74
N GLY A 237 10.29 -23.99 4.28
CA GLY A 237 10.32 -23.16 3.10
C GLY A 237 9.82 -21.75 3.33
N GLY A 238 9.35 -21.13 2.27
CA GLY A 238 8.94 -19.74 2.31
C GLY A 238 10.15 -18.84 2.53
N ASP A 239 9.90 -17.73 3.23
CA ASP A 239 10.91 -16.72 3.51
C ASP A 239 10.39 -15.94 4.71
N HIS A 240 11.00 -14.78 4.94
CA HIS A 240 10.64 -13.93 6.05
C HIS A 240 9.16 -13.54 6.03
N LYS A 241 8.60 -13.32 4.84
CA LYS A 241 7.23 -12.95 4.67
C LYS A 241 6.36 -14.17 4.48
N LEU A 242 6.28 -14.99 5.54
CA LEU A 242 5.44 -16.19 5.52
C LEU A 242 3.97 -15.93 5.22
N GLN A 243 3.48 -14.73 5.56
CA GLN A 243 2.07 -14.42 5.30
C GLN A 243 1.84 -14.13 3.80
N LEU A 244 2.92 -14.04 3.03
CA LEU A 244 2.85 -13.92 1.60
C LEU A 244 3.32 -15.22 0.94
N THR A 245 4.42 -15.87 1.33
CA THR A 245 4.84 -17.13 0.70
C THR A 245 4.24 -18.42 1.23
N LYS A 246 3.68 -18.43 2.44
CA LYS A 246 3.02 -19.60 2.98
C LYS A 246 1.71 -19.17 3.61
N THR A 247 0.90 -18.41 2.87
CA THR A 247 -0.33 -17.81 3.38
C THR A 247 -1.29 -18.84 3.93
N GLU A 248 -1.53 -19.91 3.20
CA GLU A 248 -2.49 -20.89 3.66
C GLU A 248 -2.01 -21.72 4.85
N GLU A 249 -0.71 -21.90 5.02
CA GLU A 249 -0.13 -22.69 6.10
C GLU A 249 -0.27 -21.84 7.31
N VAL A 250 0.07 -20.55 7.18
CA VAL A 250 -0.04 -19.63 8.32
C VAL A 250 -1.49 -19.54 8.79
N ALA A 251 -2.42 -19.49 7.84
CA ALA A 251 -3.82 -19.45 8.20
C ALA A 251 -4.24 -20.72 8.96
N HIS A 252 -3.75 -21.89 8.53
CA HIS A 252 -4.08 -23.17 9.16
C HIS A 252 -3.51 -23.26 10.57
N ILE A 253 -2.26 -22.83 10.80
CA ILE A 253 -1.66 -22.77 12.14
C ILE A 253 -2.49 -21.77 12.94
N LEU A 254 -2.90 -20.65 12.38
CA LEU A 254 -3.70 -19.68 13.11
C LEU A 254 -5.04 -20.28 13.48
N GLN A 255 -5.63 -21.18 12.68
CA GLN A 255 -6.84 -21.86 13.11
C GLN A 255 -6.57 -22.75 14.33
N GLU A 256 -5.42 -23.40 14.37
CA GLU A 256 -5.02 -24.20 15.50
C GLU A 256 -4.81 -23.35 16.76
N VAL A 257 -4.22 -22.17 16.66
CA VAL A 257 -4.10 -21.22 17.79
C VAL A 257 -5.49 -20.82 18.27
N ALA A 258 -6.44 -20.48 17.39
CA ALA A 258 -7.79 -20.12 17.76
C ALA A 258 -8.40 -21.33 18.47
N ASP A 259 -8.33 -22.55 17.93
CA ASP A 259 -8.89 -23.71 18.62
C ASP A 259 -8.35 -23.88 20.05
N ALA A 260 -7.03 -23.62 20.21
CA ALA A 260 -6.42 -23.72 21.52
C ALA A 260 -6.65 -22.57 22.49
N TYR A 261 -6.75 -21.31 22.06
CA TYR A 261 -6.81 -20.18 22.98
C TYR A 261 -8.01 -19.27 22.82
N ALA A 262 -8.84 -19.62 21.85
CA ALA A 262 -10.11 -19.03 21.45
C ALA A 262 -9.92 -17.59 21.07
N MET B 5 11.21 -4.58 -31.97
CA MET B 5 10.49 -4.58 -30.71
C MET B 5 11.21 -3.52 -29.86
N VAL B 6 10.50 -2.45 -29.54
CA VAL B 6 11.09 -1.25 -28.98
C VAL B 6 11.00 -1.39 -27.49
N THR B 7 12.00 -1.03 -26.72
CA THR B 7 11.77 -0.91 -25.29
C THR B 7 11.45 0.57 -25.03
N ALA B 8 10.83 0.99 -23.93
CA ALA B 8 10.42 2.40 -23.78
C ALA B 8 10.46 2.75 -22.30
N HIS B 9 10.33 4.02 -21.95
CA HIS B 9 10.25 4.42 -20.56
C HIS B 9 8.80 4.84 -20.37
N PHE B 10 8.07 4.03 -19.57
CA PHE B 10 6.66 4.29 -19.24
C PHE B 10 6.52 4.99 -17.89
N VAL B 11 5.60 5.95 -17.74
CA VAL B 11 5.40 6.61 -16.45
C VAL B 11 3.95 6.31 -16.20
N LEU B 12 3.65 5.56 -15.13
CA LEU B 12 2.31 5.06 -14.86
C LEU B 12 1.68 5.97 -13.82
N ILE B 13 0.44 6.42 -14.03
CA ILE B 13 -0.20 7.39 -13.17
C ILE B 13 -1.54 6.85 -12.73
N HIS B 14 -1.60 6.57 -11.44
CA HIS B 14 -2.82 6.13 -10.78
C HIS B 14 -3.96 7.19 -10.81
N THR B 15 -5.20 6.80 -10.46
CA THR B 15 -6.31 7.76 -10.39
C THR B 15 -6.44 8.33 -8.95
N ILE B 16 -7.29 9.32 -8.72
CA ILE B 16 -7.47 9.91 -7.41
C ILE B 16 -7.80 8.83 -6.37
N CYS B 17 -7.35 9.10 -5.14
CA CYS B 17 -7.53 8.23 -3.96
C CYS B 17 -6.60 7.02 -4.01
N HIS B 18 -6.02 6.66 -5.16
CA HIS B 18 -5.19 5.45 -5.23
C HIS B 18 -3.76 5.92 -5.09
N GLY B 19 -2.77 5.16 -5.58
CA GLY B 19 -1.37 5.52 -5.45
C GLY B 19 -0.62 4.62 -6.42
N ALA B 20 0.72 4.70 -6.44
CA ALA B 20 1.48 3.94 -7.41
C ALA B 20 1.24 2.42 -7.24
N TRP B 21 0.89 1.98 -6.01
CA TRP B 21 0.59 0.59 -5.73
C TRP B 21 -0.35 -0.13 -6.72
N ILE B 22 -1.24 0.59 -7.41
CA ILE B 22 -2.19 -0.06 -8.30
C ILE B 22 -1.45 -0.69 -9.49
N TRP B 23 -0.22 -0.23 -9.74
CA TRP B 23 0.62 -0.71 -10.84
C TRP B 23 1.60 -1.80 -10.44
N HIS B 24 1.51 -2.32 -9.21
CA HIS B 24 2.46 -3.34 -8.75
C HIS B 24 2.49 -4.61 -9.58
N LYS B 25 1.46 -4.99 -10.34
CA LYS B 25 1.52 -6.16 -11.20
C LYS B 25 1.93 -5.77 -12.61
N LEU B 26 1.53 -4.61 -13.14
CA LEU B 26 1.89 -4.22 -14.50
C LEU B 26 3.36 -3.78 -14.57
N LYS B 27 3.90 -3.08 -13.55
CA LYS B 27 5.30 -2.67 -13.62
C LYS B 27 6.29 -3.85 -13.79
N PRO B 28 6.35 -4.98 -13.05
CA PRO B 28 7.20 -6.13 -13.39
C PRO B 28 6.93 -6.77 -14.75
N ALA B 29 5.69 -6.88 -15.18
CA ALA B 29 5.29 -7.41 -16.48
C ALA B 29 6.00 -6.61 -17.57
N LEU B 30 5.94 -5.29 -17.45
CA LEU B 30 6.61 -4.43 -18.40
C LEU B 30 8.11 -4.53 -18.33
N GLU B 31 8.67 -4.68 -17.13
CA GLU B 31 10.11 -4.76 -17.00
C GLU B 31 10.61 -6.07 -17.54
N ARG B 32 9.77 -7.11 -17.50
CA ARG B 32 10.11 -8.37 -18.12
C ARG B 32 10.31 -8.16 -19.63
N ALA B 33 9.71 -7.18 -20.32
CA ALA B 33 9.97 -7.01 -21.74
C ALA B 33 11.13 -6.05 -22.06
N GLY B 34 11.84 -5.65 -21.01
CA GLY B 34 12.95 -4.73 -21.11
C GLY B 34 12.59 -3.26 -21.02
N HIS B 35 11.35 -2.91 -20.67
CA HIS B 35 11.00 -1.49 -20.60
C HIS B 35 11.48 -0.83 -19.32
N LYS B 36 11.69 0.47 -19.22
CA LYS B 36 11.99 1.10 -17.94
C LYS B 36 10.64 1.60 -17.49
N VAL B 37 10.28 1.48 -16.20
CA VAL B 37 8.96 1.88 -15.70
C VAL B 37 9.11 2.81 -14.48
N THR B 38 8.43 3.94 -14.44
CA THR B 38 8.41 4.81 -13.30
C THR B 38 6.97 4.83 -12.79
N ALA B 39 6.58 4.56 -11.52
CA ALA B 39 5.19 4.66 -11.10
C ALA B 39 5.17 5.66 -9.97
N LEU B 40 4.48 6.76 -10.18
CA LEU B 40 4.53 7.87 -9.26
C LEU B 40 3.28 7.96 -8.41
N ASP B 41 3.46 8.45 -7.18
CA ASP B 41 2.36 8.83 -6.35
C ASP B 41 2.09 10.30 -6.63
N MET B 42 0.83 10.67 -6.86
CA MET B 42 0.49 12.07 -7.06
C MET B 42 0.40 12.69 -5.65
N ALA B 43 0.13 13.97 -5.51
CA ALA B 43 0.11 14.59 -4.21
C ALA B 43 -0.97 13.91 -3.34
N ALA B 44 -0.76 13.75 -2.01
CA ALA B 44 -1.71 13.13 -1.10
C ALA B 44 -2.31 11.78 -1.51
N SER B 45 -1.54 11.05 -2.31
CA SER B 45 -1.94 9.76 -2.81
C SER B 45 -0.87 8.71 -2.47
N GLY B 46 -1.18 7.41 -2.38
CA GLY B 46 -0.23 6.37 -1.99
C GLY B 46 0.47 6.75 -0.71
N ILE B 47 1.79 6.80 -0.66
CA ILE B 47 2.47 7.18 0.57
C ILE B 47 3.04 8.58 0.43
N ASP B 48 2.53 9.46 -0.45
CA ASP B 48 2.99 10.85 -0.53
C ASP B 48 2.67 11.50 0.83
N PRO B 49 3.54 12.32 1.44
CA PRO B 49 3.35 12.82 2.79
C PRO B 49 2.31 13.92 2.91
N ARG B 50 1.79 14.48 1.82
CA ARG B 50 0.89 15.61 1.93
C ARG B 50 -0.51 15.13 2.16
N GLN B 51 -1.35 15.93 2.82
CA GLN B 51 -2.77 15.63 2.97
C GLN B 51 -3.58 16.31 1.89
N ILE B 52 -4.78 15.86 1.52
CA ILE B 52 -5.50 16.44 0.38
C ILE B 52 -5.86 17.88 0.62
N GLU B 53 -6.01 18.24 1.89
CA GLU B 53 -6.36 19.59 2.27
C GLU B 53 -5.33 20.62 1.94
N GLN B 54 -4.13 20.24 1.56
CA GLN B 54 -3.18 21.27 1.17
C GLN B 54 -2.95 21.33 -0.33
N ILE B 55 -3.76 20.62 -1.09
CA ILE B 55 -3.62 20.60 -2.52
C ILE B 55 -4.73 21.48 -3.01
N ASN B 56 -4.42 22.40 -3.93
CA ASN B 56 -5.45 23.38 -4.24
C ASN B 56 -6.08 23.32 -5.62
N SER B 57 -5.57 22.44 -6.51
CA SER B 57 -6.06 22.29 -7.87
C SER B 57 -5.55 20.96 -8.35
N PHE B 58 -6.12 20.52 -9.48
CA PHE B 58 -5.65 19.28 -10.12
C PHE B 58 -4.22 19.49 -10.68
N ASP B 59 -3.83 20.72 -11.02
CA ASP B 59 -2.50 21.02 -11.47
C ASP B 59 -1.58 20.86 -10.28
N GLU B 60 -1.92 21.28 -9.05
CA GLU B 60 -1.05 20.99 -7.91
C GLU B 60 -1.02 19.54 -7.57
N TYR B 61 -2.15 18.82 -7.71
CA TYR B 61 -2.18 17.37 -7.49
C TYR B 61 -1.20 16.61 -8.41
N SER B 62 -0.98 17.11 -9.63
CA SER B 62 -0.07 16.53 -10.60
C SER B 62 1.38 16.83 -10.31
N GLU B 63 1.72 17.58 -9.25
CA GLU B 63 3.10 18.02 -9.08
C GLU B 63 4.10 16.90 -9.18
N PRO B 64 4.02 15.68 -8.60
CA PRO B 64 5.01 14.64 -8.76
C PRO B 64 5.27 14.31 -10.22
N LEU B 65 4.24 14.30 -11.07
CA LEU B 65 4.46 14.07 -12.49
C LEU B 65 5.15 15.26 -13.17
N LEU B 66 4.79 16.49 -12.86
CA LEU B 66 5.39 17.64 -13.51
C LEU B 66 6.84 17.74 -13.12
N THR B 67 7.20 17.50 -11.83
CA THR B 67 8.57 17.54 -11.33
C THR B 67 9.40 16.48 -11.99
N PHE B 68 8.84 15.29 -12.14
CA PHE B 68 9.53 14.21 -12.81
C PHE B 68 9.94 14.62 -14.25
N LEU B 69 8.94 15.04 -15.03
CA LEU B 69 9.13 15.42 -16.41
C LEU B 69 10.08 16.59 -16.48
N GLU B 70 9.97 17.48 -15.52
CA GLU B 70 10.83 18.63 -15.38
C GLU B 70 12.25 18.17 -15.32
N LYS B 71 12.52 17.13 -14.58
CA LYS B 71 13.89 16.69 -14.48
C LYS B 71 14.27 15.62 -15.52
N LEU B 72 13.38 15.12 -16.40
CA LEU B 72 13.75 14.09 -17.35
C LEU B 72 14.91 14.65 -18.15
N PRO B 73 16.01 13.91 -18.34
CA PRO B 73 17.15 14.34 -19.12
C PRO B 73 16.73 14.64 -20.55
N GLN B 74 17.42 15.67 -21.01
CA GLN B 74 17.31 16.16 -22.38
C GLN B 74 17.43 15.04 -23.42
N GLY B 75 16.46 15.09 -24.32
CA GLY B 75 16.46 14.09 -25.37
C GLY B 75 15.70 12.83 -24.98
N GLU B 76 15.28 12.61 -23.73
CA GLU B 76 14.51 11.42 -23.40
C GLU B 76 13.02 11.74 -23.49
N LYS B 77 12.20 10.80 -24.02
CA LYS B 77 10.73 10.88 -24.10
C LYS B 77 10.10 9.70 -23.36
N VAL B 78 8.92 9.89 -22.74
CA VAL B 78 8.28 8.81 -22.01
C VAL B 78 6.89 8.60 -22.58
N ILE B 79 6.32 7.43 -22.29
CA ILE B 79 4.94 7.19 -22.63
C ILE B 79 4.21 7.29 -21.29
N ILE B 80 3.27 8.21 -21.07
CA ILE B 80 2.59 8.37 -19.79
C ILE B 80 1.31 7.50 -19.92
N VAL B 81 1.10 6.53 -19.01
CA VAL B 81 -0.11 5.70 -18.98
C VAL B 81 -0.93 6.17 -17.78
N GLY B 82 -2.18 6.58 -17.95
CA GLY B 82 -2.97 7.10 -16.86
C GLY B 82 -4.27 6.37 -16.77
N GLU B 83 -4.72 6.06 -15.55
CA GLU B 83 -6.00 5.37 -15.37
C GLU B 83 -7.08 6.29 -14.81
N ALA B 84 -8.33 6.05 -15.19
CA ALA B 84 -9.50 6.79 -14.78
C ALA B 84 -9.33 8.32 -14.75
N CYS B 85 -9.28 9.01 -13.61
CA CYS B 85 -9.17 10.45 -13.66
C CYS B 85 -7.79 10.89 -14.10
N ALA B 86 -6.82 9.98 -14.20
CA ALA B 86 -5.49 10.39 -14.59
C ALA B 86 -5.36 10.89 -16.02
N GLY B 87 -6.39 10.77 -16.86
CA GLY B 87 -6.35 11.35 -18.19
C GLY B 87 -6.20 12.85 -18.02
N LEU B 88 -6.66 13.43 -16.89
CA LEU B 88 -6.45 14.84 -16.66
C LEU B 88 -5.00 15.18 -16.33
N ASN B 89 -4.28 14.29 -15.63
CA ASN B 89 -2.86 14.46 -15.33
C ASN B 89 -2.05 14.37 -16.62
N ILE B 90 -2.41 13.49 -17.58
CA ILE B 90 -1.76 13.44 -18.88
C ILE B 90 -1.97 14.76 -19.59
N ALA B 91 -3.18 15.31 -19.66
CA ALA B 91 -3.42 16.58 -20.36
C ALA B 91 -2.71 17.79 -19.75
N ILE B 92 -2.70 17.89 -18.42
CA ILE B 92 -1.93 18.94 -17.71
C ILE B 92 -0.43 18.87 -18.02
N ALA B 93 0.14 17.66 -17.90
CA ALA B 93 1.56 17.45 -18.12
C ALA B 93 1.98 17.67 -19.58
N ALA B 94 1.11 17.27 -20.54
CA ALA B 94 1.35 17.41 -21.99
C ALA B 94 1.33 18.87 -22.46
N ASP B 95 0.54 19.73 -21.81
CA ASP B 95 0.66 21.15 -22.10
C ASP B 95 1.94 21.81 -21.65
N ARG B 96 2.59 21.21 -20.65
CA ARG B 96 3.81 21.77 -20.11
C ARG B 96 5.07 21.14 -20.68
N TYR B 97 5.03 19.85 -21.03
CA TYR B 97 6.19 19.12 -21.49
C TYR B 97 5.96 18.36 -22.79
N VAL B 98 5.20 18.88 -23.74
CA VAL B 98 4.88 18.14 -24.95
C VAL B 98 6.08 17.44 -25.63
N ASP B 99 7.27 18.02 -25.65
CA ASP B 99 8.38 17.35 -26.32
C ASP B 99 9.03 16.17 -25.61
N LYS B 100 8.59 15.94 -24.39
CA LYS B 100 9.15 14.89 -23.58
C LYS B 100 8.24 13.71 -23.64
N ILE B 101 7.16 13.79 -24.38
CA ILE B 101 6.15 12.76 -24.33
C ILE B 101 5.99 12.05 -25.67
N ALA B 102 6.40 10.78 -25.75
CA ALA B 102 6.19 9.97 -26.94
C ALA B 102 4.71 9.66 -27.21
N ALA B 103 3.88 9.41 -26.19
CA ALA B 103 2.46 9.13 -26.35
C ALA B 103 1.74 9.20 -25.00
N GLY B 104 0.46 9.49 -24.95
CA GLY B 104 -0.28 9.39 -23.71
C GLY B 104 -1.19 8.18 -23.89
N VAL B 105 -1.29 7.29 -22.91
CA VAL B 105 -2.16 6.12 -22.98
C VAL B 105 -3.23 6.26 -21.91
N PHE B 106 -4.50 6.05 -22.27
CA PHE B 106 -5.68 6.28 -21.44
C PHE B 106 -6.27 4.91 -21.14
N HIS B 107 -6.21 4.45 -19.87
CA HIS B 107 -6.59 3.13 -19.39
C HIS B 107 -7.88 3.31 -18.60
N ASN B 108 -9.04 2.93 -19.18
CA ASN B 108 -10.38 3.17 -18.60
C ASN B 108 -10.43 4.54 -17.94
N SER B 109 -9.99 5.48 -18.78
CA SER B 109 -9.67 6.85 -18.39
C SER B 109 -10.49 7.96 -19.03
N LEU B 110 -10.57 9.05 -18.28
CA LEU B 110 -11.14 10.29 -18.77
C LEU B 110 -10.30 10.71 -19.97
N LEU B 111 -10.90 11.17 -21.08
CA LEU B 111 -10.15 11.61 -22.23
C LEU B 111 -10.54 13.07 -22.47
N PRO B 112 -9.77 14.01 -21.88
CA PRO B 112 -10.04 15.44 -22.02
C PRO B 112 -9.91 15.96 -23.48
N ASP B 113 -10.56 17.06 -23.90
CA ASP B 113 -10.34 17.59 -25.25
C ASP B 113 -9.81 19.03 -25.15
N THR B 114 -9.63 19.72 -26.28
CA THR B 114 -9.16 21.11 -26.25
C THR B 114 -10.33 22.09 -26.37
N VAL B 115 -11.41 21.64 -26.98
CA VAL B 115 -12.61 22.43 -27.26
C VAL B 115 -13.49 22.84 -26.07
N HIS B 116 -13.62 22.03 -25.04
CA HIS B 116 -14.52 22.30 -23.95
C HIS B 116 -13.60 22.49 -22.78
N SER B 117 -14.21 22.89 -21.66
CA SER B 117 -13.58 23.09 -20.37
C SER B 117 -12.78 21.84 -19.97
N PRO B 118 -11.64 21.95 -19.23
CA PRO B 118 -11.02 20.84 -18.50
C PRO B 118 -11.99 20.00 -17.64
N SER B 119 -13.08 20.52 -17.05
CA SER B 119 -14.01 19.68 -16.31
C SER B 119 -15.00 18.93 -17.17
N TYR B 120 -15.10 19.14 -18.47
CA TYR B 120 -16.14 18.58 -19.31
C TYR B 120 -16.33 17.08 -19.15
N THR B 121 -15.28 16.26 -19.22
CA THR B 121 -15.44 14.81 -19.10
C THR B 121 -15.73 14.38 -17.68
N VAL B 122 -15.50 15.21 -16.67
CA VAL B 122 -15.80 14.90 -15.28
C VAL B 122 -17.31 15.05 -15.20
N GLU B 123 -17.85 16.16 -15.77
CA GLU B 123 -19.28 16.41 -15.85
C GLU B 123 -20.01 15.25 -16.50
N LYS B 124 -19.47 14.82 -17.63
CA LYS B 124 -20.02 13.69 -18.34
C LYS B 124 -19.90 12.38 -17.56
N LEU B 125 -18.85 12.14 -16.78
CA LEU B 125 -18.72 10.92 -16.00
C LEU B 125 -19.81 10.92 -14.96
N LEU B 126 -19.96 12.01 -14.25
CA LEU B 126 -20.92 12.03 -13.18
C LEU B 126 -22.37 11.96 -13.64
N GLU B 127 -22.58 12.34 -14.90
CA GLU B 127 -23.88 12.21 -15.56
C GLU B 127 -24.16 10.73 -15.84
N SER B 128 -23.15 10.00 -16.37
CA SER B 128 -23.31 8.58 -16.62
C SER B 128 -23.29 7.77 -15.36
N PHE B 129 -22.65 8.23 -14.30
CA PHE B 129 -22.55 7.41 -13.15
C PHE B 129 -22.71 8.37 -12.00
N PRO B 130 -23.95 8.70 -11.65
CA PRO B 130 -24.21 9.69 -10.62
C PRO B 130 -24.13 9.24 -9.18
N ASP B 131 -24.29 7.96 -8.90
CA ASP B 131 -24.32 7.48 -7.55
C ASP B 131 -23.12 6.62 -7.25
N TRP B 132 -22.30 7.18 -6.37
CA TRP B 132 -21.05 6.56 -5.97
C TRP B 132 -21.24 5.74 -4.69
N ARG B 133 -22.50 5.39 -4.49
CA ARG B 133 -22.98 4.45 -3.48
C ARG B 133 -22.57 4.77 -2.04
N ASP B 134 -21.69 4.00 -1.42
CA ASP B 134 -21.25 4.27 -0.06
C ASP B 134 -20.06 5.23 0.03
N THR B 135 -19.66 5.88 -1.06
CA THR B 135 -18.63 6.90 -0.99
C THR B 135 -19.02 8.05 -0.06
N GLU B 136 -18.11 8.61 0.77
CA GLU B 136 -18.45 9.76 1.58
C GLU B 136 -17.78 10.99 1.04
N TYR B 137 -18.34 12.16 1.30
CA TYR B 137 -17.83 13.43 0.80
C TYR B 137 -17.52 14.39 1.92
N PHE B 138 -16.58 15.31 1.69
CA PHE B 138 -16.13 16.26 2.69
C PHE B 138 -15.74 17.49 1.92
N THR B 139 -15.47 18.63 2.57
CA THR B 139 -15.07 19.85 1.88
C THR B 139 -14.03 20.58 2.70
N PHE B 140 -13.20 21.35 2.04
CA PHE B 140 -12.30 22.25 2.73
C PHE B 140 -12.29 23.47 1.82
N THR B 141 -11.75 24.58 2.31
CA THR B 141 -11.57 25.76 1.50
C THR B 141 -10.11 25.84 1.06
N ASN B 142 -9.82 26.01 -0.20
CA ASN B 142 -8.45 26.03 -0.60
C ASN B 142 -7.83 27.37 -0.34
N ILE B 143 -6.55 27.59 -0.66
CA ILE B 143 -5.89 28.81 -0.25
C ILE B 143 -6.44 30.02 -0.95
N THR B 144 -7.23 29.85 -1.99
CA THR B 144 -7.83 31.00 -2.62
C THR B 144 -9.31 31.12 -2.34
N GLY B 145 -9.90 30.42 -1.37
CA GLY B 145 -11.29 30.62 -1.03
C GLY B 145 -12.26 29.64 -1.67
N GLU B 146 -11.88 28.84 -2.65
CA GLU B 146 -12.81 27.89 -3.24
C GLU B 146 -13.09 26.73 -2.27
N THR B 147 -14.30 26.22 -2.28
CA THR B 147 -14.61 25.04 -1.50
C THR B 147 -14.30 23.82 -2.35
N ILE B 148 -13.46 22.94 -1.84
CA ILE B 148 -13.07 21.74 -2.57
C ILE B 148 -13.76 20.55 -1.91
N THR B 149 -14.37 19.72 -2.75
CA THR B 149 -15.01 18.53 -2.26
C THR B 149 -14.04 17.35 -2.35
N THR B 150 -13.83 16.61 -1.26
CA THR B 150 -13.06 15.40 -1.26
C THR B 150 -13.99 14.25 -1.01
N MET B 151 -13.53 13.06 -1.24
CA MET B 151 -14.35 11.90 -1.09
C MET B 151 -13.45 10.83 -0.52
N LYS B 152 -14.08 9.89 0.16
CA LYS B 152 -13.42 8.69 0.64
C LYS B 152 -14.27 7.62 -0.07
N LEU B 153 -13.73 6.91 -1.08
CA LEU B 153 -14.48 5.90 -1.84
C LEU B 153 -15.03 4.80 -0.93
N GLY B 154 -16.29 4.45 -1.15
CA GLY B 154 -16.91 3.43 -0.35
C GLY B 154 -16.42 2.03 -0.68
N PHE B 155 -16.38 1.12 0.31
CA PHE B 155 -15.90 -0.24 0.08
C PHE B 155 -16.82 -1.10 -0.77
N VAL B 156 -18.15 -0.90 -0.78
CA VAL B 156 -19.05 -1.58 -1.72
C VAL B 156 -18.77 -1.05 -3.13
N LEU B 157 -18.59 0.26 -3.32
CA LEU B 157 -18.24 0.80 -4.64
C LEU B 157 -16.91 0.14 -5.06
N LEU B 158 -15.92 0.10 -4.19
CA LEU B 158 -14.62 -0.50 -4.48
C LEU B 158 -14.77 -1.97 -4.87
N ARG B 159 -15.51 -2.75 -4.11
CA ARG B 159 -15.67 -4.14 -4.43
C ARG B 159 -16.47 -4.35 -5.69
N GLU B 160 -17.62 -3.70 -5.89
CA GLU B 160 -18.48 -4.01 -7.02
C GLU B 160 -18.18 -3.20 -8.26
N ASN B 161 -17.77 -1.92 -8.15
CA ASN B 161 -17.61 -1.09 -9.34
C ASN B 161 -16.23 -0.92 -9.90
N LEU B 162 -15.27 -0.75 -8.99
CA LEU B 162 -13.89 -0.53 -9.39
C LEU B 162 -13.10 -1.84 -9.52
N PHE B 163 -13.10 -2.67 -8.46
CA PHE B 163 -12.35 -3.93 -8.39
C PHE B 163 -13.21 -5.18 -8.61
N THR B 164 -14.26 -5.01 -9.42
CA THR B 164 -15.29 -6.00 -9.73
C THR B 164 -14.78 -7.43 -9.85
N LYS B 165 -13.73 -7.68 -10.63
CA LYS B 165 -13.21 -9.01 -10.92
C LYS B 165 -11.85 -9.27 -10.31
N CYS B 166 -11.42 -8.40 -9.40
CA CYS B 166 -10.08 -8.55 -8.84
C CYS B 166 -10.15 -9.63 -7.75
N THR B 167 -9.00 -10.23 -7.46
CA THR B 167 -8.97 -11.23 -6.45
C THR B 167 -9.22 -10.58 -5.11
N ASP B 168 -9.55 -11.40 -4.14
CA ASP B 168 -9.69 -10.93 -2.80
C ASP B 168 -8.44 -10.31 -2.22
N GLY B 169 -7.23 -10.81 -2.44
CA GLY B 169 -6.03 -10.10 -2.03
C GLY B 169 -5.81 -8.72 -2.68
N GLU B 170 -6.24 -8.51 -3.91
CA GLU B 170 -6.15 -7.21 -4.55
C GLU B 170 -7.17 -6.23 -3.96
N TYR B 171 -8.38 -6.74 -3.75
CA TYR B 171 -9.40 -5.92 -3.16
C TYR B 171 -9.05 -5.51 -1.73
N GLU B 172 -8.51 -6.45 -0.97
CA GLU B 172 -8.11 -6.16 0.39
C GLU B 172 -6.95 -5.16 0.47
N LEU B 173 -5.95 -5.32 -0.40
CA LEU B 173 -4.86 -4.37 -0.53
C LEU B 173 -5.45 -2.98 -0.80
N ALA B 174 -6.41 -2.83 -1.73
CA ALA B 174 -7.02 -1.53 -2.04
C ALA B 174 -7.61 -0.83 -0.82
N LYS B 175 -8.38 -1.58 -0.03
CA LYS B 175 -8.92 -1.04 1.21
C LYS B 175 -7.79 -0.73 2.19
N MET B 176 -6.67 -1.43 2.24
CA MET B 176 -5.60 -1.12 3.18
C MET B 176 -4.81 0.17 2.93
N VAL B 177 -4.80 0.69 1.71
CA VAL B 177 -3.98 1.83 1.34
C VAL B 177 -4.71 2.98 0.63
N MET B 178 -6.02 2.85 0.40
CA MET B 178 -6.81 3.90 -0.23
C MET B 178 -6.91 5.13 0.67
N ARG B 179 -6.86 6.29 0.05
CA ARG B 179 -6.81 7.60 0.71
C ARG B 179 -7.88 8.50 0.11
N LYS B 180 -8.12 9.64 0.75
CA LYS B 180 -9.07 10.62 0.24
C LYS B 180 -8.57 11.22 -1.07
N GLY B 181 -9.49 11.67 -1.89
CA GLY B 181 -9.11 12.32 -3.14
C GLY B 181 -10.10 13.41 -3.53
N SER B 182 -9.85 14.08 -4.66
CA SER B 182 -10.72 15.12 -5.18
C SER B 182 -10.64 15.19 -6.70
N LEU B 183 -11.82 15.57 -7.24
CA LEU B 183 -11.97 15.85 -8.66
C LEU B 183 -11.53 17.28 -8.94
N PHE B 184 -11.47 18.16 -7.92
CA PHE B 184 -11.23 19.59 -8.05
C PHE B 184 -12.10 20.12 -9.19
N GLN B 185 -13.35 19.63 -9.29
CA GLN B 185 -14.18 19.84 -10.46
C GLN B 185 -14.45 21.30 -10.73
N ASN B 186 -14.89 22.03 -9.70
CA ASN B 186 -15.13 23.45 -9.83
C ASN B 186 -13.86 24.16 -10.18
N VAL B 187 -12.67 23.70 -9.77
CA VAL B 187 -11.46 24.44 -10.08
C VAL B 187 -11.17 24.19 -11.56
N LEU B 188 -11.38 22.97 -12.04
CA LEU B 188 -11.24 22.59 -13.45
C LEU B 188 -12.18 23.38 -14.36
N ALA B 189 -13.41 23.61 -13.90
CA ALA B 189 -14.38 24.44 -14.58
C ALA B 189 -13.83 25.84 -14.78
N GLN B 190 -13.03 26.30 -13.85
CA GLN B 190 -12.39 27.58 -13.98
C GLN B 190 -11.09 27.57 -14.75
N ARG B 191 -10.55 26.42 -15.09
CA ARG B 191 -9.24 26.34 -15.70
C ARG B 191 -9.35 26.56 -17.20
N PRO B 192 -8.35 27.22 -17.80
CA PRO B 192 -8.22 27.36 -19.23
C PRO B 192 -8.10 26.00 -19.85
N LYS B 193 -8.68 25.95 -21.05
CA LYS B 193 -8.73 24.73 -21.80
C LYS B 193 -7.34 24.26 -22.14
N PHE B 194 -7.24 22.97 -22.38
CA PHE B 194 -5.97 22.39 -22.72
C PHE B 194 -5.60 22.89 -24.12
N THR B 195 -4.32 23.11 -24.41
CA THR B 195 -3.89 23.72 -25.65
C THR B 195 -3.75 22.65 -26.71
N GLU B 196 -3.93 23.17 -27.93
CA GLU B 196 -3.79 22.38 -29.14
C GLU B 196 -2.34 22.11 -29.37
N LYS B 197 -1.45 23.08 -29.11
CA LYS B 197 -0.05 22.79 -29.36
C LYS B 197 0.50 21.82 -28.34
N GLY B 198 -0.08 21.68 -27.13
CA GLY B 198 0.49 20.75 -26.18
C GLY B 198 -0.27 19.44 -26.19
N TYR B 199 -1.33 19.43 -25.39
CA TYR B 199 -2.07 18.22 -25.21
C TYR B 199 -2.63 17.78 -26.55
N GLY B 200 -3.20 18.73 -27.30
CA GLY B 200 -3.83 18.45 -28.59
C GLY B 200 -2.86 17.79 -29.54
N SER B 201 -1.56 18.00 -29.46
CA SER B 201 -0.70 17.40 -30.42
C SER B 201 -0.14 16.05 -29.98
N ILE B 202 -0.26 15.58 -28.74
CA ILE B 202 0.34 14.26 -28.43
C ILE B 202 -0.44 13.07 -29.04
N LYS B 203 0.23 11.94 -29.29
CA LYS B 203 -0.42 10.73 -29.73
C LYS B 203 -1.21 10.19 -28.57
N LYS B 204 -2.39 9.62 -28.83
CA LYS B 204 -3.32 9.21 -27.81
C LYS B 204 -3.82 7.81 -28.03
N VAL B 205 -3.61 6.90 -27.10
CA VAL B 205 -4.07 5.51 -27.25
C VAL B 205 -5.06 5.22 -26.14
N TYR B 206 -6.21 4.64 -26.43
CA TYR B 206 -7.27 4.51 -25.47
C TYR B 206 -7.52 3.03 -25.29
N ILE B 207 -7.31 2.49 -24.07
CA ILE B 207 -7.50 1.10 -23.69
C ILE B 207 -8.73 1.07 -22.81
N TRP B 208 -9.67 0.17 -23.07
CA TRP B 208 -10.86 0.07 -22.23
C TRP B 208 -11.42 -1.33 -22.34
N THR B 209 -12.42 -1.62 -21.50
CA THR B 209 -13.20 -2.84 -21.56
C THR B 209 -14.62 -2.39 -21.32
N ASP B 210 -15.56 -3.05 -21.98
CA ASP B 210 -16.97 -2.76 -21.77
C ASP B 210 -17.51 -3.43 -20.52
N GLN B 211 -16.67 -4.21 -19.83
CA GLN B 211 -17.06 -4.78 -18.56
C GLN B 211 -16.75 -3.89 -17.35
N ASP B 212 -16.30 -2.67 -17.59
CA ASP B 212 -16.03 -1.70 -16.55
C ASP B 212 -17.36 -1.24 -15.96
N LYS B 213 -17.40 -1.34 -14.65
CA LYS B 213 -18.60 -1.06 -13.92
C LYS B 213 -18.71 0.31 -13.32
N ILE B 214 -17.75 1.20 -13.55
CA ILE B 214 -17.94 2.57 -13.14
C ILE B 214 -17.72 3.56 -14.32
N PHE B 215 -16.74 3.39 -15.25
CA PHE B 215 -16.58 4.19 -16.48
C PHE B 215 -17.31 3.24 -17.48
N LEU B 216 -18.60 3.49 -17.54
CA LEU B 216 -19.49 2.61 -18.24
C LEU B 216 -19.34 2.71 -19.74
N PRO B 217 -19.76 1.68 -20.48
CA PRO B 217 -19.59 1.57 -21.93
C PRO B 217 -20.07 2.76 -22.74
N ASP B 218 -21.23 3.30 -22.42
CA ASP B 218 -21.72 4.44 -23.17
C ASP B 218 -20.96 5.72 -22.90
N PHE B 219 -20.45 5.93 -21.70
CA PHE B 219 -19.57 7.06 -21.45
C PHE B 219 -18.26 6.85 -22.20
N GLN B 220 -17.69 5.65 -22.18
CA GLN B 220 -16.42 5.44 -22.84
C GLN B 220 -16.60 5.58 -24.34
N ARG B 221 -17.70 5.08 -24.86
CA ARG B 221 -18.00 5.26 -26.26
C ARG B 221 -18.21 6.72 -26.60
N TRP B 222 -18.87 7.49 -25.73
CA TRP B 222 -19.09 8.91 -25.95
C TRP B 222 -17.73 9.58 -26.01
N GLN B 223 -16.77 9.26 -25.13
CA GLN B 223 -15.46 9.89 -25.12
C GLN B 223 -14.68 9.63 -26.38
N ILE B 224 -14.69 8.42 -26.90
CA ILE B 224 -13.98 8.11 -28.12
C ILE B 224 -14.60 8.88 -29.29
N ALA B 225 -15.93 9.01 -29.31
CA ALA B 225 -16.64 9.71 -30.37
C ALA B 225 -16.38 11.20 -30.29
N ASN B 226 -16.29 11.71 -29.05
CA ASN B 226 -16.09 13.12 -28.76
C ASN B 226 -14.69 13.57 -29.11
N TYR B 227 -13.69 12.71 -29.03
CA TYR B 227 -12.34 13.19 -29.26
C TYR B 227 -11.61 11.96 -29.70
N LYS B 228 -11.68 11.62 -30.99
CA LYS B 228 -11.10 10.39 -31.50
C LYS B 228 -9.61 10.22 -31.17
N PRO B 229 -9.19 9.15 -30.46
CA PRO B 229 -7.79 8.84 -30.23
C PRO B 229 -7.16 8.38 -31.53
N ASP B 230 -5.82 8.31 -31.54
CA ASP B 230 -5.12 7.73 -32.68
C ASP B 230 -5.41 6.23 -32.76
N LYS B 231 -5.48 5.52 -31.61
CA LYS B 231 -5.75 4.09 -31.55
C LYS B 231 -6.62 3.80 -30.34
N VAL B 232 -7.61 2.93 -30.51
CA VAL B 232 -8.46 2.43 -29.45
C VAL B 232 -8.23 0.92 -29.40
N TYR B 233 -7.88 0.42 -28.23
CA TYR B 233 -7.75 -1.01 -28.03
C TYR B 233 -8.83 -1.40 -27.06
N GLN B 234 -9.60 -2.43 -27.35
CA GLN B 234 -10.58 -2.87 -26.40
C GLN B 234 -10.16 -4.27 -25.94
N VAL B 235 -10.11 -4.50 -24.61
CA VAL B 235 -9.75 -5.80 -24.02
C VAL B 235 -11.04 -6.51 -23.65
N GLN B 236 -11.16 -7.81 -23.95
CA GLN B 236 -12.38 -8.48 -23.60
C GLN B 236 -12.30 -8.81 -22.13
N GLY B 237 -13.40 -8.61 -21.41
CA GLY B 237 -13.49 -9.03 -20.04
C GLY B 237 -12.89 -8.10 -19.03
N GLY B 238 -12.43 -8.62 -17.90
CA GLY B 238 -11.77 -7.84 -16.87
C GLY B 238 -12.75 -6.90 -16.18
N ASP B 239 -12.28 -5.75 -15.70
CA ASP B 239 -13.13 -4.84 -14.96
C ASP B 239 -12.46 -3.51 -15.06
N HIS B 240 -12.86 -2.51 -14.30
CA HIS B 240 -12.20 -1.22 -14.32
C HIS B 240 -10.68 -1.31 -14.13
N LYS B 241 -10.16 -2.16 -13.26
CA LYS B 241 -8.73 -2.26 -13.03
C LYS B 241 -8.06 -3.28 -13.94
N LEU B 242 -8.08 -3.00 -15.23
CA LEU B 242 -7.43 -3.85 -16.22
C LEU B 242 -5.97 -4.14 -15.90
N GLN B 243 -5.25 -3.25 -15.20
CA GLN B 243 -3.86 -3.56 -14.93
C GLN B 243 -3.69 -4.64 -13.87
N LEU B 244 -4.79 -5.02 -13.20
CA LEU B 244 -4.80 -6.13 -12.26
C LEU B 244 -5.55 -7.31 -12.88
N THR B 245 -6.65 -7.14 -13.61
CA THR B 245 -7.36 -8.29 -14.13
C THR B 245 -6.94 -8.77 -15.50
N LYS B 246 -6.25 -7.95 -16.29
CA LYS B 246 -5.83 -8.28 -17.63
C LYS B 246 -4.42 -7.75 -17.79
N THR B 247 -3.55 -7.96 -16.80
CA THR B 247 -2.21 -7.39 -16.79
C THR B 247 -1.41 -7.70 -18.02
N GLU B 248 -1.41 -8.93 -18.50
CA GLU B 248 -0.58 -9.24 -19.64
C GLU B 248 -1.20 -8.67 -20.89
N GLU B 249 -2.52 -8.47 -20.95
CA GLU B 249 -3.14 -7.85 -22.11
C GLU B 249 -2.68 -6.40 -22.20
N VAL B 250 -2.62 -5.72 -21.04
CA VAL B 250 -2.20 -4.34 -21.03
C VAL B 250 -0.72 -4.25 -21.36
N ALA B 251 0.12 -5.16 -20.87
CA ALA B 251 1.54 -5.08 -21.16
C ALA B 251 1.76 -5.32 -22.66
N HIS B 252 0.90 -6.08 -23.31
CA HIS B 252 1.06 -6.33 -24.72
C HIS B 252 0.65 -5.14 -25.58
N ILE B 253 -0.49 -4.52 -25.30
CA ILE B 253 -0.90 -3.30 -25.96
C ILE B 253 0.20 -2.24 -25.74
N LEU B 254 0.69 -2.07 -24.52
CA LEU B 254 1.76 -1.12 -24.27
C LEU B 254 3.02 -1.43 -25.07
N GLN B 255 3.26 -2.70 -25.40
CA GLN B 255 4.39 -3.07 -26.24
C GLN B 255 4.16 -2.51 -27.64
N GLU B 256 2.92 -2.58 -28.13
CA GLU B 256 2.51 -2.01 -29.42
C GLU B 256 2.65 -0.49 -29.44
N VAL B 257 2.31 0.20 -28.35
CA VAL B 257 2.49 1.65 -28.24
C VAL B 257 3.99 2.00 -28.28
N ALA B 258 4.88 1.28 -27.57
CA ALA B 258 6.33 1.46 -27.64
C ALA B 258 6.83 1.29 -29.08
N ASP B 259 6.45 0.22 -29.78
CA ASP B 259 6.83 -0.02 -31.16
C ASP B 259 6.41 1.11 -32.08
N ALA B 260 5.18 1.53 -31.90
CA ALA B 260 4.66 2.63 -32.66
C ALA B 260 5.26 3.99 -32.32
N TYR B 261 5.46 4.40 -31.05
CA TYR B 261 5.82 5.78 -30.75
C TYR B 261 7.15 5.96 -30.07
N ALA B 262 7.84 4.83 -29.97
CA ALA B 262 9.19 4.61 -29.50
C ALA B 262 9.45 5.18 -28.14
#